data_7KPU
#
_entry.id   7KPU
#
_cell.length_a   46.317
_cell.length_b   74.164
_cell.length_c   127.022
_cell.angle_alpha   90.000
_cell.angle_beta   90.000
_cell.angle_gamma   90.000
#
_symmetry.space_group_name_H-M   'P 21 21 21'
#
loop_
_entity.id
_entity.type
_entity.pdbx_description
1 polymer 'N-alpha-acetyltransferase 40'
2 polymer 'bisubstrate analogue (CMC-ACE-SER-GLY-ARG-GLY-LYS)'
3 non-polymer 'SULFATE ION'
4 non-polymer 2-[BIS-(2-HYDROXY-ETHYL)-AMINO]-2-HYDROXYMETHYL-PROPANE-1,3-DIOL
5 non-polymer '[(2R,3S,4R,5R)-5-(6-amino-9H-purin-9-yl)-4-hydroxy-3-(phosphonooxy)tetrahydrofuran-2-yl]methyl (3R)-3-hydroxy-2,2-dimethyl-4-[(3-{[2-(methylsulfanyl)ethyl]amino}-3-oxopropyl)amino]-4-oxobutyl dihydrogen diphosphate (non-preferred name)'
6 non-polymer 'AMINO GROUP'
7 non-polymer 'ACETYL GROUP'
8 non-polymer GLYCEROL
9 water water
#
loop_
_entity_poly.entity_id
_entity_poly.type
_entity_poly.pdbx_seq_one_letter_code
_entity_poly.pdbx_strand_id
1 'polypeptide(L)'
;EERAAMDAVCAKVDAANRLGDPLEAFPVFKKYDRNGLNVSIECKRVSGLEPATVDWAFDLTKTNMQTMYEQSEWGWKDRE
KREEMTDDRAWYLIAWENSSVPVAFSHFRFDVECGDEVLYCYEVQLESKVRRKGLGKFLIQILQLMANSTQMKKVMLTVF
KHNHGAYQFFREALQFEIDDSSPSMSGCCGEDCSYEILSRRTKF
;
D,A
2 'polypeptide(L)' SGRGK E,B
#
loop_
_chem_comp.id
_chem_comp.type
_chem_comp.name
_chem_comp.formula
ACE non-polymer 'ACETYL GROUP' 'C2 H4 O'
BTB non-polymer 2-[BIS-(2-HYDROXY-ETHYL)-AMINO]-2-HYDROXYMETHYL-PROPANE-1,3-DIOL 'C8 H19 N O5'
GOL non-polymer GLYCEROL 'C3 H8 O3'
NH2 non-polymer 'AMINO GROUP' 'H2 N'
SO4 non-polymer 'SULFATE ION' 'O4 S -2'
WZG non-polymer '[(2R,3S,4R,5R)-5-(6-amino-9H-purin-9-yl)-4-hydroxy-3-(phosphonooxy)tetrahydrofuran-2-yl]methyl (3R)-3-hydroxy-2,2-dimethyl-4-[(3-{[2-(methylsulfanyl)ethyl]amino}-3-oxopropyl)amino]-4-oxobutyl dihydrogen diphosphate (non-preferred name)' 'C22 H38 N7 O16 P3 S'
#
# COMPACT_ATOMS: atom_id res chain seq x y z
N GLU A 2 22.06 11.50 16.15
CA GLU A 2 22.02 10.04 16.09
C GLU A 2 20.74 9.51 16.74
N ARG A 3 20.45 10.03 17.94
CA ARG A 3 19.23 9.62 18.64
C ARG A 3 17.99 10.16 17.94
N ALA A 4 18.10 11.30 17.25
CA ALA A 4 16.92 11.87 16.62
C ALA A 4 16.42 10.99 15.48
N ALA A 5 17.34 10.45 14.67
CA ALA A 5 16.95 9.60 13.56
C ALA A 5 16.34 8.31 14.07
N MET A 6 16.90 7.74 15.13
CA MET A 6 16.30 6.53 15.69
C MET A 6 14.95 6.84 16.32
N ASP A 7 14.78 8.03 16.90
CA ASP A 7 13.51 8.37 17.52
C ASP A 7 12.36 8.46 16.50
N ALA A 8 12.62 8.99 15.30
CA ALA A 8 11.56 9.08 14.31
C ALA A 8 11.17 7.69 13.81
N VAL A 9 12.15 6.82 13.65
CA VAL A 9 11.89 5.43 13.27
C VAL A 9 11.10 4.72 14.36
N CYS A 10 11.56 4.84 15.60
CA CYS A 10 10.87 4.18 16.68
C CYS A 10 9.46 4.72 16.91
N ALA A 11 9.24 6.01 16.70
CA ALA A 11 7.90 6.54 16.89
C ALA A 11 6.92 5.84 15.96
N LYS A 12 7.32 5.62 14.70
CA LYS A 12 6.43 4.94 13.73
C LYS A 12 6.16 3.50 14.14
N VAL A 13 7.19 2.79 14.63
CA VAL A 13 7.02 1.42 15.08
C VAL A 13 6.09 1.38 16.30
N ASP A 14 6.35 2.24 17.27
CA ASP A 14 5.54 2.27 18.48
C ASP A 14 4.07 2.56 18.16
N ALA A 15 3.80 3.47 17.21
CA ALA A 15 2.44 3.76 16.85
C ALA A 15 1.77 2.57 16.20
N ALA A 16 2.45 1.89 15.26
CA ALA A 16 1.86 0.72 14.63
C ALA A 16 1.53 -0.35 15.67
N ASN A 17 2.37 -0.50 16.70
CA ASN A 17 2.14 -1.52 17.73
C ASN A 17 1.01 -1.18 18.69
N ARG A 18 0.50 0.04 18.65
CA ARG A 18 -0.65 0.45 19.43
C ARG A 18 -1.96 0.36 18.64
N LEU A 19 -1.91 -0.06 17.38
CA LEU A 19 -3.13 -0.14 16.59
C LEU A 19 -4.08 -1.17 17.19
N GLY A 20 -5.37 -0.97 16.92
CA GLY A 20 -6.35 -1.96 17.27
C GLY A 20 -6.48 -3.06 16.23
N ASP A 21 -7.07 -2.75 15.07
CA ASP A 21 -7.20 -3.69 13.96
C ASP A 21 -6.49 -3.06 12.76
N PRO A 22 -5.27 -3.46 12.44
CA PRO A 22 -4.57 -2.86 11.30
C PRO A 22 -5.30 -3.02 9.99
N LEU A 23 -6.24 -3.97 9.89
CA LEU A 23 -7.04 -4.14 8.67
C LEU A 23 -8.40 -3.47 8.70
N GLU A 24 -8.69 -2.65 9.72
CA GLU A 24 -10.01 -2.07 9.82
C GLU A 24 -10.41 -1.36 8.53
N ALA A 25 -9.47 -0.60 7.94
CA ALA A 25 -9.75 0.21 6.76
C ALA A 25 -9.82 -0.62 5.50
N PHE A 26 -9.54 -1.92 5.56
CA PHE A 26 -9.30 -2.73 4.37
C PHE A 26 -10.14 -4.01 4.37
N PRO A 27 -11.45 -3.89 4.44
CA PRO A 27 -12.29 -5.09 4.49
C PRO A 27 -12.15 -6.00 3.29
N VAL A 28 -11.77 -5.50 2.12
CA VAL A 28 -11.62 -6.37 0.97
C VAL A 28 -10.56 -7.45 1.20
N PHE A 29 -9.60 -7.20 2.08
CA PHE A 29 -8.54 -8.16 2.36
C PHE A 29 -8.94 -9.15 3.44
N LYS A 30 -10.15 -9.04 3.99
CA LYS A 30 -10.62 -9.97 5.01
C LYS A 30 -11.34 -11.17 4.42
N LYS A 31 -11.39 -11.32 3.11
CA LYS A 31 -12.00 -12.48 2.47
C LYS A 31 -11.11 -12.95 1.33
N TYR A 32 -10.98 -14.26 1.17
CA TYR A 32 -10.29 -14.87 0.04
C TYR A 32 -11.11 -16.06 -0.42
N ASP A 33 -11.71 -15.96 -1.60
CA ASP A 33 -12.71 -16.90 -2.04
C ASP A 33 -12.36 -17.52 -3.39
N ARG A 34 -11.09 -17.64 -3.72
CA ARG A 34 -10.66 -18.17 -5.00
C ARG A 34 -10.25 -19.63 -4.91
N ASN A 35 -10.34 -20.32 -6.05
CA ASN A 35 -9.80 -21.66 -6.19
C ASN A 35 -10.36 -22.64 -5.16
N GLY A 36 -11.66 -22.51 -4.87
CA GLY A 36 -12.34 -23.43 -3.98
C GLY A 36 -12.27 -23.07 -2.52
N LEU A 37 -11.52 -22.04 -2.15
CA LEU A 37 -11.47 -21.61 -0.77
C LEU A 37 -12.57 -20.60 -0.44
N ASN A 38 -12.88 -20.50 0.83
CA ASN A 38 -13.84 -19.57 1.34
C ASN A 38 -13.36 -19.05 2.70
N VAL A 39 -12.26 -18.33 2.68
CA VAL A 39 -11.54 -17.97 3.88
C VAL A 39 -11.92 -16.57 4.34
N SER A 40 -12.02 -16.39 5.65
CA SER A 40 -12.04 -15.09 6.29
C SER A 40 -10.71 -14.86 6.99
N ILE A 41 -10.19 -13.64 6.92
CA ILE A 41 -8.88 -13.31 7.46
C ILE A 41 -9.04 -12.26 8.52
N GLU A 42 -8.37 -12.46 9.66
CA GLU A 42 -8.39 -11.51 10.76
C GLU A 42 -6.96 -11.18 11.14
N CYS A 43 -6.77 -9.97 11.65
CA CYS A 43 -5.49 -9.51 12.15
C CYS A 43 -5.63 -9.17 13.62
N LYS A 44 -4.94 -9.90 14.48
CA LYS A 44 -5.02 -9.71 15.92
C LYS A 44 -3.64 -9.81 16.54
N ARG A 45 -3.44 -9.08 17.65
CA ARG A 45 -2.30 -9.31 18.53
C ARG A 45 -2.44 -10.69 19.16
N VAL A 46 -1.30 -11.30 19.53
CA VAL A 46 -1.37 -12.65 20.08
C VAL A 46 -2.23 -12.68 21.33
N SER A 47 -2.25 -11.56 22.08
CA SER A 47 -3.10 -11.49 23.26
C SER A 47 -4.58 -11.64 22.93
N GLY A 48 -4.99 -11.38 21.70
CA GLY A 48 -6.36 -11.55 21.27
C GLY A 48 -6.72 -12.93 20.77
N LEU A 49 -5.78 -13.86 20.74
CA LEU A 49 -6.03 -15.20 20.21
C LEU A 49 -6.38 -16.15 21.34
N GLU A 50 -7.28 -17.10 21.06
CA GLU A 50 -7.51 -18.18 22.00
C GLU A 50 -6.27 -19.07 22.15
N PRO A 51 -5.98 -19.59 23.34
CA PRO A 51 -4.84 -20.50 23.47
C PRO A 51 -4.85 -21.65 22.48
N ALA A 52 -6.03 -22.22 22.17
CA ALA A 52 -6.09 -23.32 21.22
C ALA A 52 -5.68 -22.88 19.83
N THR A 53 -5.86 -21.59 19.50
CA THR A 53 -5.41 -21.10 18.20
C THR A 53 -3.90 -21.00 18.17
N VAL A 54 -3.30 -20.51 19.26
CA VAL A 54 -1.83 -20.48 19.35
C VAL A 54 -1.27 -21.89 19.27
N ASP A 55 -1.91 -22.85 19.93
CA ASP A 55 -1.45 -24.23 19.86
C ASP A 55 -1.48 -24.72 18.42
N TRP A 56 -2.59 -24.46 17.69
CA TRP A 56 -2.70 -24.86 16.29
C TRP A 56 -1.58 -24.25 15.46
N ALA A 57 -1.30 -22.96 15.67
CA ALA A 57 -0.28 -22.29 14.88
C ALA A 57 1.11 -22.84 15.18
N PHE A 58 1.44 -23.07 16.45
CA PHE A 58 2.73 -23.65 16.81
C PHE A 58 2.87 -25.04 16.22
N ASP A 59 1.82 -25.85 16.34
CA ASP A 59 1.87 -27.21 15.86
C ASP A 59 2.04 -27.25 14.35
N LEU A 60 1.36 -26.33 13.63
CA LEU A 60 1.50 -26.28 12.18
C LEU A 60 2.92 -25.88 11.79
N THR A 61 3.48 -24.90 12.49
CA THR A 61 4.87 -24.50 12.25
C THR A 61 5.81 -25.68 12.47
N LYS A 62 5.65 -26.40 13.57
CA LYS A 62 6.52 -27.52 13.84
C LYS A 62 6.37 -28.62 12.80
N THR A 63 5.12 -28.98 12.45
CA THR A 63 4.90 -29.97 11.41
C THR A 63 5.58 -29.56 10.11
N ASN A 64 5.41 -28.31 9.72
CA ASN A 64 5.93 -27.87 8.43
C ASN A 64 7.46 -27.69 8.44
N MET A 65 8.02 -27.25 9.57
CA MET A 65 9.36 -26.68 9.60
C MET A 65 10.41 -27.41 10.42
N GLN A 66 10.05 -28.32 11.33
CA GLN A 66 11.04 -28.88 12.26
C GLN A 66 12.25 -29.45 11.53
N THR A 67 12.01 -30.30 10.54
CA THR A 67 13.11 -30.91 9.80
C THR A 67 13.99 -29.86 9.13
N MET A 68 13.39 -28.86 8.48
CA MET A 68 14.20 -27.82 7.85
C MET A 68 14.98 -27.01 8.86
N TYR A 69 14.49 -26.79 10.08
CA TYR A 69 15.26 -26.16 11.13
C TYR A 69 16.47 -27.03 11.50
N GLU A 70 16.26 -28.35 11.59
CA GLU A 70 17.38 -29.22 11.96
C GLU A 70 18.39 -29.33 10.83
N GLN A 71 17.96 -29.18 9.58
CA GLN A 71 18.86 -29.14 8.44
C GLN A 71 19.66 -27.84 8.38
N SER A 72 19.23 -26.81 9.11
CA SER A 72 19.91 -25.53 9.18
C SER A 72 20.86 -25.50 10.39
N GLU A 73 21.62 -24.41 10.52
CA GLU A 73 22.45 -24.27 11.70
C GLU A 73 21.67 -23.93 12.96
N TRP A 74 20.37 -23.66 12.87
CA TRP A 74 19.64 -23.21 14.04
C TRP A 74 19.26 -24.37 14.96
N GLY A 75 18.84 -25.48 14.40
CA GLY A 75 18.13 -26.48 15.17
C GLY A 75 16.70 -26.06 15.50
N TRP A 76 15.89 -27.00 15.99
CA TRP A 76 14.53 -26.75 16.46
C TRP A 76 14.47 -26.96 17.97
N LYS A 77 13.98 -25.97 18.71
CA LYS A 77 13.65 -26.19 20.11
C LYS A 77 12.26 -25.62 20.36
N ASP A 78 11.38 -26.46 20.92
CA ASP A 78 10.00 -26.08 21.16
C ASP A 78 9.94 -24.79 21.96
N ARG A 79 10.70 -24.70 23.05
CA ARG A 79 10.51 -23.56 23.94
C ARG A 79 10.88 -22.26 23.25
N GLU A 80 11.98 -22.27 22.50
CA GLU A 80 12.43 -21.05 21.83
C GLU A 80 11.38 -20.60 20.84
N LYS A 81 10.84 -21.53 20.08
CA LYS A 81 9.84 -21.15 19.08
C LYS A 81 8.54 -20.70 19.75
N ARG A 82 8.08 -21.40 20.77
CA ARG A 82 6.86 -21.00 21.45
C ARG A 82 7.02 -19.62 22.07
N GLU A 83 8.18 -19.33 22.66
CA GLU A 83 8.38 -18.02 23.24
C GLU A 83 8.34 -16.94 22.16
N GLU A 84 8.96 -17.21 21.01
CA GLU A 84 8.94 -16.25 19.90
C GLU A 84 7.50 -16.02 19.43
N MET A 85 6.72 -17.07 19.32
CA MET A 85 5.36 -16.98 18.81
C MET A 85 4.40 -16.34 19.80
N THR A 86 4.71 -16.31 21.09
CA THR A 86 3.82 -15.78 22.12
C THR A 86 4.33 -14.49 22.76
N ASP A 87 5.41 -13.93 22.26
CA ASP A 87 5.89 -12.62 22.68
C ASP A 87 4.76 -11.61 22.53
N ASP A 88 4.64 -10.68 23.50
CA ASP A 88 3.55 -9.71 23.45
C ASP A 88 3.56 -8.90 22.16
N ARG A 89 4.74 -8.73 21.55
CA ARG A 89 4.84 -7.97 20.30
C ARG A 89 4.37 -8.73 19.07
N ALA A 90 4.03 -10.00 19.20
CA ALA A 90 3.59 -10.77 18.03
C ALA A 90 2.21 -10.35 17.56
N TRP A 91 2.11 -10.13 16.26
CA TRP A 91 0.85 -9.97 15.56
C TRP A 91 0.60 -11.18 14.66
N TYR A 92 -0.67 -11.46 14.43
CA TYR A 92 -1.08 -12.61 13.64
C TYR A 92 -2.09 -12.23 12.58
N LEU A 93 -1.89 -12.74 11.37
CA LEU A 93 -2.96 -12.87 10.39
C LEU A 93 -3.38 -14.31 10.43
N ILE A 94 -4.68 -14.56 10.60
CA ILE A 94 -5.18 -15.93 10.62
C ILE A 94 -6.23 -16.07 9.54
N ALA A 95 -6.11 -17.10 8.70
CA ALA A 95 -7.09 -17.44 7.68
C ALA A 95 -7.95 -18.59 8.17
N TRP A 96 -9.26 -18.34 8.23
CA TRP A 96 -10.25 -19.31 8.69
C TRP A 96 -11.12 -19.77 7.53
N GLU A 97 -10.99 -21.03 7.13
CA GLU A 97 -11.82 -21.59 6.07
C GLU A 97 -13.25 -21.69 6.55
N ASN A 98 -14.17 -21.17 5.76
CA ASN A 98 -15.58 -21.07 6.14
C ASN A 98 -15.76 -20.31 7.45
N SER A 99 -14.79 -19.44 7.81
CA SER A 99 -14.82 -18.69 9.05
C SER A 99 -14.81 -19.58 10.26
N SER A 100 -14.33 -20.81 10.11
CA SER A 100 -14.44 -21.77 11.19
C SER A 100 -13.22 -22.64 11.42
N VAL A 101 -12.42 -22.97 10.40
CA VAL A 101 -11.30 -23.90 10.54
C VAL A 101 -10.03 -23.12 10.24
N PRO A 102 -9.07 -23.02 11.15
CA PRO A 102 -7.85 -22.26 10.82
C PRO A 102 -6.98 -23.06 9.86
N VAL A 103 -6.57 -22.42 8.75
CA VAL A 103 -5.87 -23.15 7.71
C VAL A 103 -4.53 -22.51 7.34
N ALA A 104 -4.31 -21.26 7.76
CA ALA A 104 -3.07 -20.59 7.42
C ALA A 104 -2.88 -19.43 8.38
N PHE A 105 -1.62 -19.01 8.60
CA PHE A 105 -1.35 -17.83 9.40
C PHE A 105 0.00 -17.22 9.03
N SER A 106 0.13 -15.96 9.39
CA SER A 106 1.41 -15.29 9.47
C SER A 106 1.57 -14.71 10.86
N HIS A 107 2.76 -14.88 11.45
CA HIS A 107 3.22 -14.14 12.63
C HIS A 107 4.12 -13.04 12.12
N PHE A 108 3.77 -11.80 12.41
CA PHE A 108 4.56 -10.66 11.97
C PHE A 108 4.70 -9.66 13.11
N ARG A 109 5.64 -8.73 12.94
CA ARG A 109 5.89 -7.67 13.90
C ARG A 109 6.19 -6.37 13.16
N PHE A 110 5.88 -5.25 13.82
CA PHE A 110 6.41 -3.95 13.44
C PHE A 110 7.64 -3.71 14.30
N ASP A 111 8.81 -3.53 13.69
CA ASP A 111 10.05 -3.49 14.46
C ASP A 111 11.07 -2.65 13.70
N VAL A 112 12.21 -2.45 14.35
CA VAL A 112 13.38 -1.84 13.73
C VAL A 112 14.33 -2.96 13.33
N GLU A 113 14.85 -2.88 12.12
CA GLU A 113 15.86 -3.79 11.62
C GLU A 113 16.86 -2.98 10.82
N CYS A 114 18.12 -3.08 11.26
CA CYS A 114 19.23 -2.33 10.67
C CYS A 114 18.90 -0.86 10.52
N GLY A 115 18.30 -0.32 11.56
CA GLY A 115 18.02 1.09 11.65
C GLY A 115 16.76 1.55 10.95
N ASP A 116 16.00 0.64 10.35
CA ASP A 116 14.84 0.99 9.56
C ASP A 116 13.58 0.43 10.22
N GLU A 117 12.49 1.17 10.06
CA GLU A 117 11.15 0.68 10.41
C GLU A 117 10.71 -0.35 9.37
N VAL A 118 10.43 -1.56 9.85
CA VAL A 118 10.07 -2.68 8.99
C VAL A 118 8.86 -3.43 9.54
N LEU A 119 8.19 -4.10 8.64
CA LEU A 119 7.28 -5.18 9.01
C LEU A 119 8.06 -6.46 8.80
N TYR A 120 8.31 -7.18 9.87
CA TYR A 120 9.09 -8.42 9.86
C TYR A 120 8.13 -9.60 9.89
N CYS A 121 8.16 -10.41 8.85
CA CYS A 121 7.31 -11.61 8.72
C CYS A 121 8.11 -12.77 9.30
N TYR A 122 7.76 -13.20 10.53
CA TYR A 122 8.40 -14.31 11.23
C TYR A 122 7.89 -15.68 10.79
N GLU A 123 6.66 -15.80 10.30
CA GLU A 123 6.13 -17.05 9.76
C GLU A 123 5.12 -16.76 8.68
N VAL A 124 5.10 -17.59 7.64
CA VAL A 124 3.90 -17.80 6.83
C VAL A 124 3.76 -19.30 6.68
N GLN A 125 2.63 -19.84 7.14
CA GLN A 125 2.42 -21.29 7.25
C GLN A 125 1.03 -21.63 6.78
N LEU A 126 0.93 -22.55 5.83
CA LEU A 126 -0.35 -23.06 5.34
C LEU A 126 -0.43 -24.57 5.59
N GLU A 127 -1.60 -25.02 5.94
CA GLU A 127 -1.88 -26.46 5.89
C GLU A 127 -1.72 -26.95 4.46
N SER A 128 -1.29 -28.21 4.31
CA SER A 128 -1.00 -28.71 2.97
C SER A 128 -2.19 -28.59 2.01
N LYS A 129 -3.40 -28.89 2.48
CA LYS A 129 -4.57 -28.94 1.60
C LYS A 129 -4.95 -27.58 1.02
N VAL A 130 -4.47 -26.46 1.57
CA VAL A 130 -4.84 -25.14 1.06
C VAL A 130 -3.71 -24.48 0.29
N ARG A 131 -2.63 -25.20 0.02
CA ARG A 131 -1.49 -24.69 -0.71
C ARG A 131 -1.75 -24.66 -2.23
N ARG A 132 -0.98 -23.81 -2.91
CA ARG A 132 -1.05 -23.67 -4.36
C ARG A 132 -2.44 -23.28 -4.86
N LYS A 133 -3.08 -22.41 -4.09
CA LYS A 133 -4.37 -21.81 -4.39
C LYS A 133 -4.34 -20.30 -4.32
N GLY A 134 -3.15 -19.70 -4.22
CA GLY A 134 -3.01 -18.25 -4.16
C GLY A 134 -3.18 -17.64 -2.78
N LEU A 135 -3.50 -18.42 -1.75
CA LEU A 135 -3.70 -17.84 -0.43
C LEU A 135 -2.39 -17.29 0.15
N GLY A 136 -1.29 -18.00 0.00
CA GLY A 136 -0.03 -17.48 0.51
C GLY A 136 0.33 -16.15 -0.11
N LYS A 137 0.19 -16.04 -1.43
CA LYS A 137 0.48 -14.77 -2.07
C LYS A 137 -0.42 -13.67 -1.50
N PHE A 138 -1.70 -13.99 -1.29
CA PHE A 138 -2.64 -13.00 -0.75
C PHE A 138 -2.22 -12.54 0.64
N LEU A 139 -1.80 -13.46 1.50
CA LEU A 139 -1.38 -13.08 2.84
C LEU A 139 -0.17 -12.14 2.76
N ILE A 140 0.77 -12.40 1.86
CA ILE A 140 1.93 -11.54 1.74
C ILE A 140 1.52 -10.17 1.19
N GLN A 141 0.54 -10.12 0.28
CA GLN A 141 0.03 -8.84 -0.16
C GLN A 141 -0.63 -8.05 0.98
N ILE A 142 -1.26 -8.74 1.92
CA ILE A 142 -1.80 -8.08 3.09
C ILE A 142 -0.67 -7.48 3.92
N LEU A 143 0.41 -8.26 4.12
CA LEU A 143 1.54 -7.71 4.85
C LEU A 143 2.08 -6.47 4.16
N GLN A 144 2.22 -6.51 2.83
CA GLN A 144 2.71 -5.34 2.10
C GLN A 144 1.80 -4.14 2.30
N LEU A 145 0.50 -4.36 2.29
CA LEU A 145 -0.45 -3.28 2.51
C LEU A 145 -0.32 -2.72 3.92
N MET A 146 -0.19 -3.58 4.91
CA MET A 146 -0.05 -3.09 6.27
C MET A 146 1.26 -2.33 6.46
N ALA A 147 2.33 -2.78 5.81
CA ALA A 147 3.59 -2.05 5.85
C ALA A 147 3.38 -0.66 5.29
N ASN A 148 2.68 -0.54 4.17
CA ASN A 148 2.43 0.78 3.60
C ASN A 148 1.58 1.64 4.53
N SER A 149 0.51 1.09 5.09
CA SER A 149 -0.46 1.87 5.87
C SER A 149 0.11 2.36 7.19
N THR A 150 1.18 1.75 7.67
CA THR A 150 1.87 2.12 8.90
C THR A 150 3.18 2.83 8.62
N GLN A 151 3.54 3.03 7.36
CA GLN A 151 4.73 3.77 6.97
C GLN A 151 6.02 3.01 7.26
N MET A 152 5.95 1.69 7.23
CA MET A 152 7.18 0.91 7.28
C MET A 152 7.89 1.02 5.93
N LYS A 153 9.18 0.74 5.94
CA LYS A 153 9.99 0.86 4.71
C LYS A 153 10.08 -0.43 3.91
N LYS A 154 9.86 -1.58 4.53
CA LYS A 154 9.95 -2.85 3.83
C LYS A 154 9.22 -3.91 4.63
N VAL A 155 8.87 -4.99 3.92
CA VAL A 155 8.57 -6.29 4.51
C VAL A 155 9.85 -7.12 4.43
N MET A 156 10.21 -7.79 5.52
CA MET A 156 11.42 -8.61 5.60
C MET A 156 11.09 -9.99 6.14
N LEU A 157 11.88 -10.98 5.79
CA LEU A 157 11.69 -12.35 6.26
C LEU A 157 12.97 -13.15 6.03
N THR A 158 13.03 -14.30 6.67
CA THR A 158 14.12 -15.26 6.50
C THR A 158 13.60 -16.53 5.82
N VAL A 159 14.31 -17.00 4.80
CA VAL A 159 13.93 -18.22 4.09
C VAL A 159 15.13 -19.17 4.01
N PHE A 160 14.92 -20.43 4.32
CA PHE A 160 16.01 -21.40 4.18
C PHE A 160 16.33 -21.64 2.71
N LYS A 161 17.63 -21.73 2.40
CA LYS A 161 18.04 -22.09 1.05
C LYS A 161 17.52 -23.47 0.66
N HIS A 162 17.40 -24.38 1.61
CA HIS A 162 16.88 -25.72 1.38
C HIS A 162 15.35 -25.78 1.42
N ASN A 163 14.66 -24.64 1.59
CA ASN A 163 13.20 -24.56 1.44
C ASN A 163 12.94 -24.08 0.02
N HIS A 164 13.11 -25.00 -0.94
CA HIS A 164 13.20 -24.58 -2.34
C HIS A 164 11.88 -24.00 -2.83
N GLY A 165 10.76 -24.61 -2.47
CA GLY A 165 9.49 -24.11 -2.95
C GLY A 165 9.19 -22.72 -2.43
N ALA A 166 9.46 -22.48 -1.15
CA ALA A 166 9.20 -21.15 -0.59
C ALA A 166 10.15 -20.12 -1.17
N TYR A 167 11.39 -20.52 -1.41
CA TYR A 167 12.35 -19.59 -1.98
C TYR A 167 11.89 -19.11 -3.35
N GLN A 168 11.40 -20.03 -4.18
CA GLN A 168 10.87 -19.63 -5.49
C GLN A 168 9.61 -18.78 -5.36
N PHE A 169 8.70 -19.14 -4.45
CA PHE A 169 7.53 -18.33 -4.18
C PHE A 169 7.92 -16.88 -3.90
N PHE A 170 8.86 -16.66 -2.97
CA PHE A 170 9.23 -15.29 -2.63
C PHE A 170 10.03 -14.59 -3.73
N ARG A 171 11.06 -15.28 -4.27
CA ARG A 171 11.99 -14.61 -5.20
C ARG A 171 11.36 -14.42 -6.57
N GLU A 172 10.65 -15.41 -7.08
CA GLU A 172 10.12 -15.33 -8.45
C GLU A 172 8.68 -14.84 -8.48
N ALA A 173 7.79 -15.51 -7.78
CA ALA A 173 6.39 -15.13 -7.83
C ALA A 173 6.11 -13.77 -7.17
N LEU A 174 6.80 -13.45 -6.07
CA LEU A 174 6.55 -12.19 -5.38
C LEU A 174 7.66 -11.16 -5.60
N GLN A 175 8.76 -11.54 -6.25
CA GLN A 175 9.87 -10.62 -6.61
C GLN A 175 10.45 -9.90 -5.40
N PHE A 176 10.56 -10.61 -4.30
CA PHE A 176 11.36 -10.13 -3.19
C PHE A 176 12.83 -10.15 -3.60
N GLU A 177 13.58 -9.21 -3.04
CA GLU A 177 15.01 -9.13 -3.26
C GLU A 177 15.77 -9.80 -2.10
N ILE A 178 17.03 -10.11 -2.34
CA ILE A 178 17.93 -10.45 -1.24
C ILE A 178 18.29 -9.16 -0.52
N ASP A 179 17.99 -9.09 0.76
CA ASP A 179 18.25 -7.89 1.54
C ASP A 179 19.74 -7.71 1.78
N ASP A 180 20.15 -6.46 1.94
CA ASP A 180 21.57 -6.19 2.20
C ASP A 180 22.06 -6.85 3.48
N SER A 181 21.17 -7.14 4.43
CA SER A 181 21.55 -7.79 5.67
C SER A 181 21.75 -9.30 5.52
N SER A 182 21.43 -9.87 4.37
CA SER A 182 21.55 -11.31 4.22
C SER A 182 23.01 -11.74 4.26
N PRO A 183 23.33 -12.90 4.83
CA PRO A 183 24.75 -13.32 4.88
C PRO A 183 25.41 -13.37 3.51
N SER A 184 24.65 -13.67 2.47
CA SER A 184 25.18 -13.77 1.12
C SER A 184 25.68 -12.44 0.60
N MET A 185 25.29 -11.33 1.23
CA MET A 185 25.69 -10.00 0.78
C MET A 185 26.90 -9.49 1.53
N SER A 186 27.54 -10.33 2.30
CA SER A 186 28.84 -10.00 2.88
C SER A 186 29.89 -11.03 2.51
N CYS A 193 26.12 -20.37 5.06
CA CYS A 193 24.90 -20.04 5.79
C CYS A 193 23.73 -20.73 5.09
N SER A 194 22.77 -21.23 5.85
CA SER A 194 21.70 -22.00 5.23
C SER A 194 20.45 -21.18 4.93
N TYR A 195 20.49 -19.88 5.09
CA TYR A 195 19.30 -19.07 4.85
C TYR A 195 19.68 -17.80 4.11
N GLU A 196 18.67 -17.15 3.55
CA GLU A 196 18.77 -15.81 3.00
C GLU A 196 17.76 -14.94 3.73
N ILE A 197 18.09 -13.67 3.90
CA ILE A 197 17.15 -12.65 4.35
C ILE A 197 16.63 -11.94 3.13
N LEU A 198 15.32 -11.95 2.93
CA LEU A 198 14.67 -11.36 1.76
C LEU A 198 13.86 -10.15 2.18
N SER A 199 13.66 -9.21 1.26
CA SER A 199 12.83 -8.06 1.58
C SER A 199 12.20 -7.48 0.33
N ARG A 200 11.16 -6.71 0.55
CA ARG A 200 10.49 -5.98 -0.52
C ARG A 200 10.19 -4.59 0.01
N ARG A 201 10.72 -3.57 -0.67
CA ARG A 201 10.54 -2.19 -0.25
C ARG A 201 9.11 -1.75 -0.51
N THR A 202 8.58 -0.94 0.40
CA THR A 202 7.33 -0.20 0.23
C THR A 202 7.52 0.97 -0.74
N SER B 1 10.29 -18.14 7.98
CA SER B 1 10.23 -18.73 9.29
C SER B 1 11.43 -18.32 10.10
N GLY B 2 11.17 -17.70 11.23
CA GLY B 2 12.22 -17.24 12.11
C GLY B 2 12.83 -15.94 11.67
N ARG B 3 13.89 -15.55 12.36
CA ARG B 3 14.53 -14.25 12.14
C ARG B 3 16.03 -14.44 12.21
N GLY B 4 16.66 -14.54 11.05
CA GLY B 4 18.11 -14.69 10.94
C GLY B 4 18.85 -13.37 11.06
N LYS B 5 20.17 -13.45 11.06
CA LYS B 5 20.99 -12.24 11.16
C LYS B 5 21.62 -11.93 9.82
N ARG C 3 -24.79 -5.81 -17.16
CA ARG C 3 -25.38 -4.98 -16.16
C ARG C 3 -25.00 -5.40 -14.71
N ALA C 4 -24.76 -6.71 -14.45
CA ALA C 4 -24.49 -7.22 -13.10
C ALA C 4 -23.04 -7.04 -12.73
N ALA C 5 -22.14 -7.39 -13.65
CA ALA C 5 -20.74 -7.08 -13.47
C ALA C 5 -20.58 -5.63 -13.14
N MET C 6 -21.24 -4.79 -13.96
CA MET C 6 -21.26 -3.36 -13.82
C MET C 6 -21.97 -2.92 -12.56
N ASP C 7 -22.94 -3.75 -12.08
CA ASP C 7 -23.66 -3.37 -10.87
C ASP C 7 -22.73 -3.29 -9.66
N ALA C 8 -21.92 -4.35 -9.48
CA ALA C 8 -21.00 -4.38 -8.34
C ALA C 8 -19.93 -3.31 -8.47
N VAL C 9 -19.46 -3.06 -9.70
CA VAL C 9 -18.51 -1.97 -9.95
C VAL C 9 -19.12 -0.63 -9.53
N CYS C 10 -20.32 -0.34 -10.02
CA CYS C 10 -20.94 0.93 -9.74
C CYS C 10 -21.28 1.07 -8.26
N ALA C 11 -21.70 -0.02 -7.62
CA ALA C 11 -21.98 0.01 -6.18
C ALA C 11 -20.77 0.46 -5.38
N LYS C 12 -19.57 0.00 -5.77
CA LYS C 12 -18.36 0.38 -5.01
C LYS C 12 -17.99 1.84 -5.22
N VAL C 13 -18.17 2.33 -6.44
CA VAL C 13 -17.93 3.73 -6.75
C VAL C 13 -18.92 4.62 -6.02
N ASP C 14 -20.20 4.23 -6.03
CA ASP C 14 -21.21 5.04 -5.35
C ASP C 14 -20.95 5.09 -3.84
N ALA C 15 -20.54 3.98 -3.24
CA ALA C 15 -20.27 3.99 -1.82
C ALA C 15 -19.07 4.86 -1.48
N ALA C 16 -18.02 4.83 -2.31
CA ALA C 16 -16.86 5.66 -2.02
C ALA C 16 -17.22 7.12 -2.09
N ASN C 17 -18.08 7.49 -3.03
CA ASN C 17 -18.47 8.90 -3.15
C ASN C 17 -19.39 9.36 -2.04
N ARG C 18 -19.89 8.47 -1.18
CA ARG C 18 -20.67 8.87 -0.01
C ARG C 18 -19.82 9.00 1.26
N LEU C 19 -18.53 8.72 1.20
CA LEU C 19 -17.71 8.84 2.38
C LEU C 19 -17.70 10.27 2.90
N GLY C 20 -17.58 10.41 4.21
CA GLY C 20 -17.39 11.71 4.79
C GLY C 20 -15.99 12.22 4.53
N ASP C 21 -15.01 11.45 4.93
CA ASP C 21 -13.62 11.85 4.84
C ASP C 21 -12.80 10.59 4.59
N PRO C 22 -12.45 10.32 3.33
CA PRO C 22 -11.67 9.11 3.03
C PRO C 22 -10.34 9.05 3.74
N LEU C 23 -9.76 10.17 4.08
CA LEU C 23 -8.49 10.19 4.78
C LEU C 23 -8.59 9.81 6.25
N GLU C 24 -9.81 9.81 6.82
CA GLU C 24 -9.91 9.54 8.25
C GLU C 24 -9.59 8.09 8.59
N ALA C 25 -9.63 7.18 7.60
CA ALA C 25 -9.21 5.81 7.80
C ALA C 25 -7.72 5.68 8.06
N PHE C 26 -6.95 6.75 7.86
CA PHE C 26 -5.49 6.69 7.83
C PHE C 26 -4.87 7.87 8.57
N PRO C 27 -5.20 8.08 9.85
CA PRO C 27 -4.83 9.38 10.44
C PRO C 27 -3.34 9.70 10.45
N VAL C 28 -2.43 8.72 10.42
CA VAL C 28 -1.03 9.08 10.38
C VAL C 28 -0.66 9.83 9.11
N PHE C 29 -1.47 9.73 8.06
CA PHE C 29 -1.19 10.42 6.81
C PHE C 29 -1.75 11.84 6.78
N LYS C 30 -2.28 12.34 7.90
CA LYS C 30 -2.74 13.72 7.98
C LYS C 30 -1.60 14.68 8.29
N LYS C 31 -0.38 14.22 8.46
CA LYS C 31 0.78 15.07 8.67
C LYS C 31 1.95 14.58 7.85
N TYR C 32 2.72 15.49 7.25
CA TYR C 32 3.98 15.16 6.59
C TYR C 32 5.03 16.13 7.14
N ASP C 33 6.00 15.62 7.88
CA ASP C 33 6.96 16.45 8.60
C ASP C 33 8.31 15.80 8.36
N ARG C 34 8.93 16.16 7.25
CA ARG C 34 10.21 15.59 6.83
C ARG C 34 10.85 16.51 5.81
N ASN C 35 12.18 16.46 5.77
CA ASN C 35 12.94 17.11 4.71
C ASN C 35 12.70 18.59 4.63
N GLY C 36 12.46 19.26 5.75
CA GLY C 36 12.25 20.67 5.76
C GLY C 36 10.82 21.09 5.57
N LEU C 37 9.92 20.15 5.33
CA LEU C 37 8.52 20.47 5.20
C LEU C 37 7.77 20.05 6.46
N ASN C 38 6.74 20.80 6.79
CA ASN C 38 5.86 20.45 7.91
C ASN C 38 4.46 20.89 7.50
N VAL C 39 3.66 19.95 7.01
CA VAL C 39 2.34 20.26 6.48
C VAL C 39 1.30 19.35 7.09
N SER C 40 0.09 19.83 7.16
CA SER C 40 -1.08 19.01 7.46
C SER C 40 -1.78 18.70 6.14
N ILE C 41 -2.48 17.58 6.08
CA ILE C 41 -3.13 17.12 4.86
C ILE C 41 -4.59 16.86 5.17
N GLU C 42 -5.49 17.40 4.35
CA GLU C 42 -6.92 17.20 4.50
C GLU C 42 -7.53 16.72 3.18
N CYS C 43 -8.64 16.03 3.29
CA CYS C 43 -9.40 15.52 2.14
C CYS C 43 -10.83 16.02 2.25
N LYS C 44 -11.27 16.76 1.22
CA LYS C 44 -12.60 17.33 1.19
C LYS C 44 -13.20 17.23 -0.20
N ARG C 45 -14.52 17.13 -0.29
CA ARG C 45 -15.18 17.35 -1.57
C ARG C 45 -15.00 18.80 -1.97
N VAL C 46 -15.09 19.08 -3.28
CA VAL C 46 -14.90 20.46 -3.72
C VAL C 46 -15.92 21.42 -3.09
N SER C 47 -17.13 20.92 -2.81
CA SER C 47 -18.16 21.71 -2.13
C SER C 47 -17.72 22.21 -0.76
N GLY C 48 -16.73 21.58 -0.13
CA GLY C 48 -16.24 21.98 1.17
C GLY C 48 -15.12 22.96 1.19
N LEU C 49 -14.61 23.36 0.02
CA LEU C 49 -13.52 24.31 -0.07
C LEU C 49 -14.01 25.75 -0.24
N GLU C 50 -13.27 26.69 0.35
CA GLU C 50 -13.56 28.10 0.11
C GLU C 50 -13.16 28.48 -1.31
N PRO C 51 -13.83 29.48 -1.91
CA PRO C 51 -13.45 29.87 -3.28
C PRO C 51 -12.00 30.23 -3.45
N ALA C 52 -11.39 30.89 -2.45
CA ALA C 52 -9.99 31.25 -2.56
C ALA C 52 -9.09 30.00 -2.70
N THR C 53 -9.48 28.91 -2.05
CA THR C 53 -8.73 27.65 -2.16
C THR C 53 -8.90 27.01 -3.55
N VAL C 54 -10.12 27.00 -4.07
CA VAL C 54 -10.35 26.53 -5.44
C VAL C 54 -9.55 27.39 -6.41
N ASP C 55 -9.57 28.71 -6.17
CA ASP C 55 -8.87 29.60 -7.07
C ASP C 55 -7.37 29.39 -7.00
N TRP C 56 -6.82 29.19 -5.80
CA TRP C 56 -5.40 28.87 -5.67
C TRP C 56 -5.06 27.59 -6.45
N ALA C 57 -5.90 26.56 -6.33
CA ALA C 57 -5.63 25.30 -7.01
C ALA C 57 -5.67 25.44 -8.52
N PHE C 58 -6.66 26.19 -9.02
CA PHE C 58 -6.72 26.50 -10.45
C PHE C 58 -5.49 27.28 -10.89
N ASP C 59 -5.14 28.33 -10.13
CA ASP C 59 -4.01 29.18 -10.53
C ASP C 59 -2.70 28.38 -10.52
N LEU C 60 -2.53 27.48 -9.54
CA LEU C 60 -1.31 26.68 -9.46
C LEU C 60 -1.25 25.71 -10.65
N THR C 61 -2.39 25.11 -10.99
CA THR C 61 -2.48 24.22 -12.15
C THR C 61 -2.13 24.98 -13.43
N LYS C 62 -2.69 26.19 -13.61
CA LYS C 62 -2.38 26.99 -14.79
C LYS C 62 -0.90 27.39 -14.84
N THR C 63 -0.34 27.85 -13.73
CA THR C 63 1.09 28.19 -13.71
C THR C 63 1.92 26.99 -14.09
N ASN C 64 1.60 25.84 -13.51
CA ASN C 64 2.45 24.69 -13.70
C ASN C 64 2.27 24.06 -15.09
N MET C 65 1.06 24.11 -15.64
CA MET C 65 0.69 23.26 -16.77
C MET C 65 0.31 23.97 -18.06
N GLN C 66 0.06 25.28 -18.05
CA GLN C 66 -0.51 25.90 -19.25
C GLN C 66 0.31 25.64 -20.50
N THR C 67 1.62 25.87 -20.43
CA THR C 67 2.45 25.69 -21.61
C THR C 67 2.41 24.25 -22.11
N MET C 68 2.44 23.28 -21.21
CA MET C 68 2.36 21.89 -21.62
C MET C 68 1.01 21.56 -22.24
N TYR C 69 -0.09 22.15 -21.74
CA TYR C 69 -1.38 21.96 -22.39
C TYR C 69 -1.41 22.58 -23.79
N GLU C 70 -0.86 23.79 -23.92
CA GLU C 70 -0.85 24.45 -25.23
C GLU C 70 -0.13 23.60 -26.24
N GLN C 71 0.89 22.89 -25.79
CA GLN C 71 1.69 21.99 -26.61
C GLN C 71 1.21 20.56 -26.57
N SER C 72 -0.10 20.40 -26.53
CA SER C 72 -0.75 19.11 -26.57
C SER C 72 -1.98 19.24 -27.47
N GLU C 73 -2.63 18.12 -27.75
CA GLU C 73 -3.85 18.16 -28.53
C GLU C 73 -4.97 18.89 -27.80
N TRP C 74 -4.83 19.07 -26.48
CA TRP C 74 -5.94 19.61 -25.72
C TRP C 74 -6.07 21.13 -25.83
N GLY C 75 -4.95 21.82 -25.91
CA GLY C 75 -4.95 23.24 -25.66
C GLY C 75 -5.19 23.55 -24.19
N TRP C 76 -4.98 24.80 -23.78
CA TRP C 76 -5.33 25.31 -22.46
C TRP C 76 -6.54 26.23 -22.61
N LYS C 77 -7.61 25.95 -21.87
CA LYS C 77 -8.74 26.88 -21.80
C LYS C 77 -9.19 27.00 -20.34
N ASP C 78 -9.21 28.22 -19.84
CA ASP C 78 -9.56 28.48 -18.44
C ASP C 78 -10.90 27.85 -18.07
N ARG C 79 -11.95 28.09 -18.85
CA ARG C 79 -13.29 27.70 -18.42
C ARG C 79 -13.40 26.19 -18.36
N GLU C 80 -12.79 25.49 -19.31
CA GLU C 80 -12.89 24.03 -19.34
C GLU C 80 -12.17 23.43 -18.16
N LYS C 81 -11.02 23.97 -17.80
CA LYS C 81 -10.34 23.46 -16.59
C LYS C 81 -11.13 23.79 -15.34
N ARG C 82 -11.67 25.02 -15.21
CA ARG C 82 -12.53 25.30 -14.06
C ARG C 82 -13.72 24.34 -13.97
N GLU C 83 -14.37 24.06 -15.10
CA GLU C 83 -15.48 23.10 -15.14
C GLU C 83 -15.04 21.75 -14.57
N GLU C 84 -13.89 21.29 -15.03
CA GLU C 84 -13.39 19.99 -14.55
C GLU C 84 -13.09 20.03 -13.06
N MET C 85 -12.48 21.13 -12.60
CA MET C 85 -12.05 21.23 -11.21
C MET C 85 -13.19 21.46 -10.24
N THR C 86 -14.35 21.93 -10.72
CA THR C 86 -15.48 22.26 -9.85
C THR C 86 -16.66 21.33 -10.05
N ASP C 87 -16.50 20.25 -10.81
CA ASP C 87 -17.51 19.22 -10.89
C ASP C 87 -17.84 18.70 -9.49
N ASP C 88 -19.12 18.46 -9.23
CA ASP C 88 -19.52 18.05 -7.89
C ASP C 88 -18.85 16.76 -7.43
N ARG C 89 -18.37 15.94 -8.37
CA ARG C 89 -17.70 14.66 -8.05
C ARG C 89 -16.25 14.85 -7.67
N ALA C 90 -15.72 16.06 -7.71
CA ALA C 90 -14.30 16.28 -7.44
C ALA C 90 -14.01 16.18 -5.95
N TRP C 91 -12.98 15.41 -5.62
CA TRP C 91 -12.38 15.36 -4.29
C TRP C 91 -11.02 16.02 -4.33
N TYR C 92 -10.63 16.65 -3.23
CA TYR C 92 -9.33 17.30 -3.09
C TYR C 92 -8.56 16.79 -1.88
N LEU C 93 -7.31 16.48 -2.11
CA LEU C 93 -6.33 16.31 -1.05
C LEU C 93 -5.45 17.55 -1.07
N ILE C 94 -5.37 18.25 0.05
CA ILE C 94 -4.63 19.50 0.10
C ILE C 94 -3.67 19.48 1.28
N ALA C 95 -2.43 19.89 1.02
CA ALA C 95 -1.40 20.05 2.04
C ALA C 95 -1.31 21.52 2.41
N TRP C 96 -1.37 21.79 3.71
CA TRP C 96 -1.36 23.14 4.27
C TRP C 96 -0.15 23.37 5.15
N GLU C 97 0.50 24.52 4.97
CA GLU C 97 1.50 25.00 5.92
C GLU C 97 0.85 25.88 6.97
N ASN C 98 1.09 25.55 8.23
CA ASN C 98 0.56 26.31 9.37
C ASN C 98 -0.93 26.54 9.27
N SER C 99 -1.65 25.53 8.81
CA SER C 99 -3.11 25.56 8.72
C SER C 99 -3.62 26.76 7.96
N SER C 100 -2.81 27.33 7.05
CA SER C 100 -3.19 28.60 6.45
C SER C 100 -2.77 28.80 5.01
N VAL C 101 -1.62 28.25 4.61
CA VAL C 101 -1.10 28.45 3.26
C VAL C 101 -1.13 27.10 2.54
N PRO C 102 -1.90 26.97 1.46
CA PRO C 102 -1.94 25.70 0.74
C PRO C 102 -0.73 25.62 -0.15
N VAL C 103 -0.06 24.47 -0.17
CA VAL C 103 1.17 24.32 -0.93
C VAL C 103 1.15 23.19 -1.94
N ALA C 104 0.17 22.28 -1.88
CA ALA C 104 0.09 21.16 -2.81
C ALA C 104 -1.32 20.61 -2.76
N PHE C 105 -1.76 20.06 -3.90
CA PHE C 105 -3.05 19.38 -3.91
C PHE C 105 -3.09 18.28 -4.95
N SER C 106 -4.04 17.38 -4.76
CA SER C 106 -4.54 16.48 -5.79
C SER C 106 -6.05 16.62 -5.90
N HIS C 107 -6.53 16.71 -7.14
CA HIS C 107 -7.93 16.55 -7.52
C HIS C 107 -8.09 15.09 -7.95
N PHE C 108 -8.95 14.36 -7.27
CA PHE C 108 -9.17 12.96 -7.63
C PHE C 108 -10.65 12.65 -7.58
N ARG C 109 -11.02 11.51 -8.19
CA ARG C 109 -12.40 11.03 -8.19
C ARG C 109 -12.43 9.53 -8.05
N PHE C 110 -13.54 9.04 -7.54
CA PHE C 110 -13.87 7.62 -7.59
C PHE C 110 -14.81 7.48 -8.77
N ASP C 111 -14.45 6.66 -9.77
CA ASP C 111 -15.22 6.63 -10.99
C ASP C 111 -15.04 5.28 -11.68
N VAL C 112 -15.79 5.08 -12.75
CA VAL C 112 -15.62 3.93 -13.63
C VAL C 112 -14.77 4.36 -14.81
N GLU C 113 -13.75 3.59 -15.11
CA GLU C 113 -12.97 3.77 -16.33
C GLU C 113 -12.71 2.41 -16.96
N CYS C 114 -13.12 2.28 -18.23
CA CYS C 114 -12.96 1.05 -18.99
C CYS C 114 -13.56 -0.13 -18.25
N GLY C 115 -14.71 0.12 -17.64
CA GLY C 115 -15.46 -0.92 -16.99
C GLY C 115 -14.99 -1.29 -15.60
N ASP C 116 -13.98 -0.60 -15.06
CA ASP C 116 -13.45 -0.90 -13.73
C ASP C 116 -13.67 0.27 -12.77
N GLU C 117 -13.84 -0.07 -11.52
CA GLU C 117 -13.80 0.93 -10.44
C GLU C 117 -12.37 1.43 -10.26
N VAL C 118 -12.19 2.74 -10.38
CA VAL C 118 -10.86 3.35 -10.32
C VAL C 118 -10.87 4.59 -9.43
N LEU C 119 -9.71 4.89 -8.86
CA LEU C 119 -9.44 6.20 -8.30
C LEU C 119 -8.67 6.92 -9.38
N TYR C 120 -9.30 7.94 -9.96
CA TYR C 120 -8.71 8.69 -11.06
C TYR C 120 -8.08 9.95 -10.46
N CYS C 121 -6.79 10.08 -10.63
CA CYS C 121 -6.06 11.26 -10.16
C CYS C 121 -6.01 12.27 -11.31
N TYR C 122 -6.83 13.32 -11.22
CA TYR C 122 -6.90 14.34 -12.27
C TYR C 122 -5.80 15.39 -12.16
N GLU C 123 -5.26 15.64 -10.96
CA GLU C 123 -4.15 16.55 -10.82
C GLU C 123 -3.31 16.14 -9.63
N VAL C 124 -2.00 16.26 -9.75
CA VAL C 124 -1.13 16.41 -8.58
C VAL C 124 -0.22 17.60 -8.85
N GLN C 125 -0.32 18.64 -8.01
CA GLN C 125 0.35 19.91 -8.26
C GLN C 125 0.96 20.41 -6.96
N LEU C 126 2.24 20.68 -7.00
CA LEU C 126 2.98 21.27 -5.88
C LEU C 126 3.53 22.64 -6.25
N GLU C 127 3.52 23.55 -5.28
CA GLU C 127 4.32 24.77 -5.41
C GLU C 127 5.78 24.39 -5.54
N SER C 128 6.54 25.16 -6.34
CA SER C 128 7.94 24.83 -6.56
C SER C 128 8.73 24.66 -5.27
N LYS C 129 8.48 25.49 -4.26
CA LYS C 129 9.30 25.47 -3.06
C LYS C 129 9.17 24.18 -2.25
N VAL C 130 8.12 23.38 -2.48
CA VAL C 130 7.91 22.15 -1.71
C VAL C 130 8.21 20.91 -2.54
N ARG C 131 8.74 21.06 -3.75
CA ARG C 131 9.08 19.93 -4.60
C ARG C 131 10.38 19.24 -4.16
N ARG C 132 10.52 17.99 -4.58
CA ARG C 132 11.72 17.17 -4.36
C ARG C 132 12.04 17.01 -2.89
N LYS C 133 10.99 16.88 -2.07
CA LYS C 133 11.09 16.62 -0.65
C LYS C 133 10.23 15.44 -0.23
N GLY C 134 9.67 14.71 -1.19
CA GLY C 134 8.91 13.50 -0.89
C GLY C 134 7.43 13.72 -0.71
N LEU C 135 6.95 14.94 -0.79
CA LEU C 135 5.53 15.20 -0.58
C LEU C 135 4.67 14.65 -1.71
N GLY C 136 5.13 14.77 -2.96
CA GLY C 136 4.39 14.19 -4.07
C GLY C 136 4.21 12.70 -3.91
N LYS C 137 5.29 11.98 -3.62
CA LYS C 137 5.19 10.55 -3.40
C LYS C 137 4.22 10.24 -2.28
N PHE C 138 4.24 11.03 -1.20
CA PHE C 138 3.34 10.81 -0.07
C PHE C 138 1.89 10.98 -0.48
N LEU C 139 1.57 12.01 -1.27
CA LEU C 139 0.21 12.21 -1.73
C LEU C 139 -0.26 11.03 -2.58
N ILE C 140 0.60 10.52 -3.45
CA ILE C 140 0.20 9.38 -4.26
C ILE C 140 0.06 8.13 -3.39
N GLN C 141 0.90 7.99 -2.36
CA GLN C 141 0.74 6.90 -1.41
C GLN C 141 -0.61 6.95 -0.73
N ILE C 142 -1.07 8.14 -0.34
CA ILE C 142 -2.41 8.29 0.22
C ILE C 142 -3.47 7.81 -0.76
N LEU C 143 -3.39 8.25 -2.04
CA LEU C 143 -4.38 7.82 -3.03
C LEU C 143 -4.38 6.30 -3.17
N GLN C 144 -3.21 5.67 -3.13
CA GLN C 144 -3.17 4.22 -3.26
C GLN C 144 -3.81 3.56 -2.04
N LEU C 145 -3.59 4.08 -0.84
CA LEU C 145 -4.27 3.55 0.34
C LEU C 145 -5.79 3.74 0.24
N MET C 146 -6.25 4.90 -0.22
CA MET C 146 -7.68 5.08 -0.40
C MET C 146 -8.25 4.10 -1.44
N ALA C 147 -7.50 3.85 -2.51
CA ALA C 147 -7.96 2.87 -3.49
C ALA C 147 -8.11 1.50 -2.87
N ASN C 148 -7.17 1.08 -2.05
CA ASN C 148 -7.29 -0.21 -1.37
C ASN C 148 -8.47 -0.23 -0.44
N SER C 149 -8.64 0.82 0.36
CA SER C 149 -9.73 0.87 1.34
C SER C 149 -11.10 0.85 0.70
N THR C 150 -11.29 1.61 -0.37
CA THR C 150 -12.58 1.73 -1.05
C THR C 150 -12.81 0.65 -2.10
N GLN C 151 -11.83 -0.24 -2.31
CA GLN C 151 -11.94 -1.35 -3.25
C GLN C 151 -11.92 -0.91 -4.71
N MET C 152 -11.23 0.19 -5.04
CA MET C 152 -10.93 0.47 -6.42
C MET C 152 -9.86 -0.48 -6.92
N LYS C 153 -9.84 -0.71 -8.23
CA LYS C 153 -8.90 -1.64 -8.84
C LYS C 153 -7.52 -1.04 -9.13
N LYS C 154 -7.45 0.28 -9.25
CA LYS C 154 -6.20 0.95 -9.56
C LYS C 154 -6.34 2.44 -9.28
N VAL C 155 -5.19 3.08 -9.17
CA VAL C 155 -5.07 4.53 -9.31
C VAL C 155 -4.63 4.76 -10.75
N MET C 156 -5.29 5.71 -11.44
CA MET C 156 -5.00 6.01 -12.84
C MET C 156 -4.81 7.52 -13.01
N LEU C 157 -4.06 7.93 -14.02
CA LEU C 157 -3.80 9.35 -14.28
C LEU C 157 -3.28 9.50 -15.71
N THR C 158 -3.25 10.74 -16.18
CA THR C 158 -2.74 11.10 -17.51
C THR C 158 -1.50 11.96 -17.35
N VAL C 159 -0.42 11.61 -18.04
CA VAL C 159 0.83 12.37 -17.98
C VAL C 159 1.29 12.71 -19.39
N PHE C 160 1.66 13.96 -19.60
CA PHE C 160 2.16 14.34 -20.92
C PHE C 160 3.52 13.68 -21.13
N LYS C 161 3.76 13.23 -22.37
CA LYS C 161 5.09 12.73 -22.68
C LYS C 161 6.16 13.83 -22.58
N HIS C 162 5.77 15.08 -22.83
CA HIS C 162 6.68 16.22 -22.69
C HIS C 162 6.77 16.74 -21.27
N ASN C 163 6.11 16.11 -20.29
CA ASN C 163 6.31 16.42 -18.87
C ASN C 163 7.32 15.43 -18.31
N HIS C 164 8.59 15.66 -18.61
CA HIS C 164 9.61 14.62 -18.43
C HIS C 164 9.83 14.31 -16.97
N GLY C 165 9.85 15.33 -16.11
CA GLY C 165 10.08 15.08 -14.71
C GLY C 165 8.98 14.25 -14.08
N ALA C 166 7.73 14.61 -14.38
CA ALA C 166 6.61 13.88 -13.80
C ALA C 166 6.55 12.47 -14.34
N TYR C 167 6.90 12.28 -15.62
CA TYR C 167 6.88 10.95 -16.18
C TYR C 167 7.87 10.05 -15.47
N GLN C 168 9.08 10.56 -15.22
CA GLN C 168 10.05 9.83 -14.44
C GLN C 168 9.56 9.57 -13.01
N PHE C 169 8.96 10.57 -12.36
CA PHE C 169 8.37 10.37 -11.04
C PHE C 169 7.43 9.16 -11.02
N PHE C 170 6.47 9.12 -11.95
CA PHE C 170 5.47 8.05 -11.92
C PHE C 170 6.03 6.71 -12.39
N ARG C 171 6.79 6.70 -13.48
CA ARG C 171 7.19 5.43 -14.09
C ARG C 171 8.36 4.80 -13.36
N GLU C 172 9.36 5.61 -12.99
CA GLU C 172 10.56 5.07 -12.36
C GLU C 172 10.45 5.05 -10.83
N ALA C 173 10.18 6.20 -10.22
CA ALA C 173 10.16 6.23 -8.76
C ALA C 173 8.96 5.47 -8.19
N LEU C 174 7.76 5.63 -8.77
CA LEU C 174 6.56 5.01 -8.20
C LEU C 174 6.14 3.73 -8.91
N GLN C 175 6.83 3.35 -9.99
CA GLN C 175 6.60 2.07 -10.67
C GLN C 175 5.17 1.95 -11.22
N PHE C 176 4.60 3.04 -11.70
CA PHE C 176 3.34 2.95 -12.40
C PHE C 176 3.54 2.25 -13.73
N GLU C 177 2.54 1.51 -14.14
CA GLU C 177 2.46 0.84 -15.44
C GLU C 177 1.87 1.79 -16.47
N ILE C 178 2.15 1.51 -17.75
CA ILE C 178 1.34 2.08 -18.82
C ILE C 178 0.03 1.30 -18.86
N ASP C 179 -1.08 1.99 -18.68
CA ASP C 179 -2.38 1.33 -18.65
C ASP C 179 -2.74 0.79 -20.03
N ASP C 180 -3.52 -0.30 -20.06
CA ASP C 180 -3.97 -0.83 -21.35
C ASP C 180 -4.77 0.20 -22.15
N SER C 181 -5.36 1.20 -21.51
CA SER C 181 -6.15 2.20 -22.22
C SER C 181 -5.30 3.32 -22.82
N SER C 182 -3.99 3.30 -22.58
CA SER C 182 -3.15 4.37 -23.10
C SER C 182 -3.09 4.28 -24.62
N PRO C 183 -3.07 5.42 -25.32
CA PRO C 183 -2.99 5.34 -26.80
C PRO C 183 -1.81 4.53 -27.30
N SER C 184 -0.69 4.52 -26.57
CA SER C 184 0.48 3.75 -26.97
C SER C 184 0.24 2.25 -26.97
N MET C 185 -0.83 1.78 -26.34
CA MET C 185 -1.12 0.35 -26.22
C MET C 185 -2.01 -0.14 -27.32
N SER C 186 -2.33 0.72 -28.28
CA SER C 186 -3.09 0.33 -29.46
C SER C 186 -2.31 0.67 -30.72
N GLY C 187 -2.19 -0.30 -31.61
CA GLY C 187 -1.34 -0.21 -32.78
C GLY C 187 -1.76 0.89 -33.74
N CYS C 193 0.16 10.54 -30.02
CA CYS C 193 -0.56 11.20 -28.93
C CYS C 193 0.50 11.84 -28.04
N SER C 194 0.19 12.98 -27.42
CA SER C 194 1.20 13.60 -26.58
C SER C 194 1.17 13.18 -25.11
N TYR C 195 0.33 12.22 -24.74
CA TYR C 195 0.26 11.76 -23.36
C TYR C 195 0.21 10.25 -23.32
N GLU C 196 0.45 9.74 -22.11
CA GLU C 196 0.28 8.34 -21.75
C GLU C 196 -0.72 8.30 -20.60
N ILE C 197 -1.46 7.22 -20.53
CA ILE C 197 -2.30 6.93 -19.38
C ILE C 197 -1.58 5.91 -18.54
N LEU C 198 -1.36 6.23 -17.26
CA LEU C 198 -0.59 5.39 -16.36
C LEU C 198 -1.47 4.89 -15.22
N SER C 199 -1.13 3.73 -14.66
CA SER C 199 -1.93 3.21 -13.56
C SER C 199 -1.11 2.30 -12.67
N ARG C 200 -1.61 2.12 -11.45
CA ARG C 200 -1.00 1.23 -10.49
C ARG C 200 -2.13 0.45 -9.84
N ARG C 201 -2.05 -0.88 -9.91
CA ARG C 201 -3.13 -1.74 -9.43
C ARG C 201 -3.10 -1.87 -7.91
N THR C 202 -4.28 -2.00 -7.32
CA THR C 202 -4.39 -2.59 -6.00
C THR C 202 -4.15 -4.11 -6.14
N LYS C 203 -3.86 -4.77 -5.02
CA LYS C 203 -3.44 -6.16 -5.10
C LYS C 203 -4.45 -7.16 -4.58
N PHE C 204 -5.63 -6.72 -4.18
CA PHE C 204 -6.64 -7.68 -3.75
C PHE C 204 -7.21 -8.45 -4.93
N SER D 1 -2.30 15.33 -14.88
CA SER D 1 -3.11 16.50 -15.11
C SER D 1 -4.12 16.15 -16.21
N GLY D 2 -5.39 16.32 -15.91
CA GLY D 2 -6.45 16.07 -16.85
C GLY D 2 -6.78 14.59 -16.99
N ARG D 3 -7.65 14.30 -17.95
CA ARG D 3 -8.15 12.94 -18.15
C ARG D 3 -8.20 12.68 -19.65
N GLY D 4 -7.21 11.93 -20.14
CA GLY D 4 -7.19 11.52 -21.53
C GLY D 4 -7.98 10.27 -21.78
N LYS D 5 -7.90 9.80 -23.02
CA LYS D 5 -8.63 8.61 -23.47
C LYS D 5 -7.64 7.51 -23.80
S SO4 E . 6.19 -26.62 -9.82
O1 SO4 E . 7.05 -27.66 -10.36
O2 SO4 E . 5.76 -27.02 -8.49
O3 SO4 E . 6.93 -25.36 -9.75
O4 SO4 E . 5.05 -26.44 -10.71
S SO4 F . 18.95 -16.36 -6.43
O1 SO4 F . 19.79 -17.51 -6.75
O2 SO4 F . 18.50 -16.47 -5.06
O3 SO4 F . 19.73 -15.13 -6.55
O4 SO4 F . 17.81 -16.32 -7.34
C1 BTB G . -11.97 -18.51 17.16
O1 BTB G . -12.86 -19.31 17.92
C2 BTB G . -12.60 -17.64 16.04
C3 BTB G . -11.76 -16.34 16.00
O3 BTB G . -12.42 -15.23 15.42
C4 BTB G . -12.52 -18.27 14.64
O4 BTB G . -13.32 -17.53 13.74
N BTB G . -14.03 -17.39 16.25
C5 BTB G . -14.17 -16.66 17.50
C6 BTB G . -14.99 -15.43 17.13
O6 BTB G . -16.07 -15.86 16.34
C7 BTB G . -14.83 -18.62 16.23
C8 BTB G . -16.06 -18.59 15.31
O8 BTB G . -16.51 -17.28 15.14
H11 BTB G . -11.32 -19.10 16.74
H12 BTB G . -11.52 -17.91 17.77
HO1 BTB G . -12.67 -20.13 17.80
H31 BTB G . -10.95 -16.52 15.50
H32 BTB G . -11.53 -16.11 16.91
HO3 BTB G . -12.72 -15.46 14.66
H41 BTB G . -12.85 -19.18 14.69
H42 BTB G . -11.61 -18.26 14.33
HO4 BTB G . -12.83 -17.04 13.26
H51 BTB G . -13.31 -16.41 17.85
H52 BTB G . -14.64 -17.19 18.16
H61 BTB G . -14.44 -14.82 16.62
H62 BTB G . -15.31 -15.00 17.92
HO6 BTB G . -16.44 -15.18 15.98
H71 BTB G . -15.14 -18.80 17.14
H72 BTB G . -14.25 -19.35 15.94
H81 BTB G . -16.76 -19.12 15.70
H82 BTB G . -15.82 -18.95 14.45
HO8 BTB G . -17.27 -17.29 14.75
N1A WZG H . 7.26 -24.55 -5.61
C2A WZG H . 7.45 -23.73 -6.67
N3A WZG H . 6.76 -22.57 -6.82
C4A WZG H . 5.85 -22.23 -5.88
C5A WZG H . 5.67 -23.05 -4.85
C6A WZG H . 6.37 -24.20 -4.72
N6A WZG H . 6.44 -25.28 -3.76
N7A WZG H . 4.73 -22.54 -4.02
C8A WZG H . 4.31 -21.43 -4.55
N9A WZG H . 4.98 -21.22 -5.67
C1B WZG H . 5.01 -20.20 -6.67
C2B WZG H . 4.15 -20.56 -7.99
O2B WZG H . 4.69 -19.72 -9.04
C3B WZG H . 2.95 -20.28 -7.60
O3B WZG H . 2.01 -20.05 -8.72
P3B WZG H . 1.31 -21.34 -9.39
O7A WZG H . 0.29 -20.75 -10.34
O8A WZG H . 0.63 -22.18 -8.35
O9A WZG H . 2.39 -22.16 -10.07
C4B WZG H . 2.99 -18.94 -6.85
O4B WZG H . 4.36 -19.14 -6.19
C5B WZG H . 1.95 -18.63 -5.94
O5B WZG H . 1.84 -19.63 -5.00
P1A WZG H . 0.65 -19.57 -3.88
O1A WZG H . 0.25 -18.19 -3.51
O2A WZG H . -0.49 -20.49 -4.33
O3A WZG H . 1.50 -20.29 -2.75
P2A WZG H . 0.93 -20.93 -1.39
O4A WZG H . -0.39 -20.39 -1.08
O5A WZG H . 1.08 -22.43 -1.43
O6A WZG H . 1.97 -20.32 -0.26
CBP WZG H . 3.93 -21.11 0.96
CCP WZG H . 3.38 -20.59 -0.41
CDP WZG H . 3.76 -20.03 2.04
CEP WZG H . 5.42 -21.44 0.81
CAP WZG H . 3.09 -22.29 1.41
OAP WZG H . 3.09 -23.32 0.44
C9P WZG H . 3.46 -22.94 2.72
O9P WZG H . 2.98 -22.63 3.77
N8P WZG H . 4.47 -23.99 2.67
C7P WZG H . 4.87 -24.73 3.85
C6P WZG H . 5.53 -23.92 4.98
C5P WZG H . 6.62 -23.04 4.35
O5P WZG H . 7.56 -23.41 3.69
N4P WZG H . 6.39 -21.64 4.61
C3P WZG H . 7.30 -20.63 4.06
C2P WZG H . 8.42 -20.47 5.07
S1P WZG H . 9.50 -19.18 4.32
C1 WZG H . 8.64 -17.64 4.83
H2A WZG H . 8.07 -23.96 -7.31
H61A WZG H . 6.45 -26.10 -4.03
H62A WZG H . 6.46 -25.11 -2.92
H8A WZG H . 3.66 -20.87 -4.20
H1B WZG H . 5.92 -20.04 -6.93
H2B WZG H . 4.17 -21.47 -8.30
HO2A WZG H . 5.29 -20.13 -9.47
H3B WZG H . 2.70 -21.04 -7.06
H4B WZG H . 2.91 -18.19 -7.48
H51A WZG H . 2.14 -17.79 -5.50
H52A WZG H . 1.11 -18.55 -6.43
H121 WZG H . 3.52 -21.26 -1.10
H122 WZG H . 3.84 -19.78 -0.66
H131 WZG H . 4.13 -20.35 2.87
H132 WZG H . 2.82 -19.84 2.16
H133 WZG H . 4.23 -19.23 1.77
H141 WZG H . 5.92 -21.05 1.55
H142 WZG H . 5.75 -21.08 -0.03
H143 WZG H . 5.54 -22.40 0.82
H10 WZG H . 2.22 -21.86 1.52
HO1 WZG H . 2.43 -23.22 -0.08
HN8 WZG H . 4.84 -24.17 1.91
H71 WZG H . 4.07 -25.14 4.22
H72 WZG H . 5.49 -25.42 3.57
H61 WZG H . 5.94 -24.53 5.62
H62 WZG H . 4.88 -23.37 5.42
HN4 WZG H . 5.72 -21.40 5.09
H32 WZG H . 6.83 -19.79 3.95
H31 WZG H . 7.65 -20.92 3.20
H21 WZG H . 8.91 -21.30 5.18
H22 WZG H . 8.09 -20.17 5.92
H11 WZG H . 8.64 -17.07 4.05
H12 WZG H . 7.72 -17.92 4.95
N NH2 I . 21.14 -10.84 9.02
HN1 NH2 I . 20.82 -11.03 8.08
HN2 NH2 I . 21.12 -9.90 9.40
C ACE J . 9.16 -17.87 7.19
O ACE J . 8.12 -18.32 7.61
CH3 ACE J . 9.33 -17.01 5.99
H1 ACE J . 9.90 -17.55 5.24
H2 ACE J . 9.87 -16.10 6.27
H3 ACE J . 8.36 -16.74 5.59
S SO4 K . 8.54 4.23 -21.01
O1 SO4 K . 8.52 2.78 -21.22
O2 SO4 K . 8.18 4.55 -19.63
O3 SO4 K . 9.88 4.76 -21.28
O4 SO4 K . 7.57 4.85 -21.90
C1 GOL L . 7.15 11.58 7.77
O1 GOL L . 7.31 10.32 7.25
C2 GOL L . 5.80 11.65 8.46
O2 GOL L . 5.59 12.97 8.83
C3 GOL L . 4.72 11.08 7.50
O3 GOL L . 3.51 11.00 8.25
H11 GOL L . 7.19 12.27 7.08
H12 GOL L . 7.85 11.80 8.41
H2 GOL L . 5.77 11.09 9.26
HO2 GOL L . 5.38 12.99 9.65
H31 GOL L . 5.02 10.21 7.17
H32 GOL L . 4.66 11.65 6.71
HO3 GOL L . 3.09 11.73 8.11
S SO4 M . 10.53 21.49 -12.25
O1 SO4 M . 11.51 20.52 -12.75
O2 SO4 M . 9.84 20.97 -11.05
O3 SO4 M . 11.24 22.73 -11.91
O4 SO4 M . 9.55 21.77 -13.29
S SO4 N . -15.75 29.58 -23.43
O1 SO4 N . -14.85 28.43 -23.49
O2 SO4 N . -16.73 29.35 -22.38
O3 SO4 N . -15.00 30.78 -23.12
O4 SO4 N . -16.46 29.72 -24.70
C1 GOL O . -0.38 6.90 -30.82
O1 GOL O . -1.70 7.23 -30.50
C2 GOL O . 0.24 6.17 -29.62
O2 GOL O . 1.24 5.30 -30.01
C3 GOL O . 0.75 7.28 -28.71
O3 GOL O . 1.74 6.69 -27.93
H11 GOL O . 0.16 7.68 -31.02
H12 GOL O . -0.32 6.33 -31.60
HO1 GOL O . -2.02 7.63 -31.17
H2 GOL O . -0.44 5.63 -29.16
HO2 GOL O . 1.83 5.28 -29.40
H31 GOL O . 0.01 7.64 -28.18
H32 GOL O . 1.07 8.02 -29.25
C1 GOL P . -7.33 26.43 5.95
O1 GOL P . -8.34 27.39 6.00
C2 GOL P . -7.90 25.15 6.52
O2 GOL P . -8.88 24.58 5.72
C3 GOL P . -6.71 24.21 6.63
O3 GOL P . -6.48 23.99 7.99
H11 GOL P . -6.55 26.68 6.48
H12 GOL P . -7.00 26.26 5.06
HO1 GOL P . -8.01 28.11 5.67
H2 GOL P . -8.33 25.34 7.37
HO2 GOL P . -8.53 24.42 4.95
H31 GOL P . -5.95 24.61 6.19
H32 GOL P . -6.89 23.40 6.14
N1A WZG Q . 12.65 14.81 -12.37
C2A WZG Q . 13.18 13.56 -12.19
N3A WZG Q . 12.80 12.75 -11.19
C4A WZG Q . 11.86 13.18 -10.33
C5A WZG Q . 11.34 14.40 -10.50
C6A WZG Q . 11.73 15.22 -11.52
N6A WZG Q . 11.37 16.54 -11.97
N7A WZG Q . 10.42 14.67 -9.57
C8A WZG Q . 10.36 13.61 -8.80
N9A WZG Q . 11.23 12.71 -9.21
C1B WZG Q . 11.60 11.37 -8.83
C2B WZG Q . 12.93 11.27 -7.97
O2B WZG Q . 13.41 9.91 -8.04
C3B WZG Q . 12.54 11.61 -6.76
O3B WZG Q . 13.44 11.17 -5.69
P3B WZG Q . 14.70 12.15 -5.32
O7A WZG Q . 15.28 11.54 -4.07
O8A WZG Q . 14.19 13.54 -5.05
O9A WZG Q . 15.63 12.19 -6.50
C4B WZG Q . 11.20 10.86 -6.53
O4B WZG Q . 10.64 10.96 -7.98
C5B WZG Q . 10.36 11.38 -5.51
O5B WZG Q . 10.01 12.70 -5.80
P1A WZG Q . 9.11 13.59 -4.79
O1A WZG Q . 8.05 12.78 -4.08
O2A WZG Q . 9.98 14.48 -3.94
O3A WZG Q . 8.47 14.47 -5.97
P2A WZG Q . 7.63 15.83 -5.76
O4A WZG Q . 7.20 15.96 -4.37
O5A WZG Q . 8.46 16.97 -6.33
O6A WZG Q . 6.34 15.56 -6.68
CBP WZG Q . 5.56 16.25 -8.88
CCP WZG Q . 6.49 15.30 -8.09
CDP WZG Q . 4.10 15.96 -8.47
CEP WZG Q . 5.82 15.95 -10.38
CAP WZG Q . 5.85 17.70 -8.47
OAP WZG Q . 7.22 18.00 -8.64
C9P WZG Q . 5.04 18.77 -9.16
O9P WZG Q . 3.99 19.18 -8.73
N8P WZG Q . 5.60 19.22 -10.42
C7P WZG Q . 4.97 20.27 -11.22
C6P WZG Q . 3.57 19.96 -11.77
C5P WZG Q . 3.51 18.58 -12.42
O5P WZG Q . 4.18 18.25 -13.36
N4P WZG Q . 2.55 17.70 -11.78
C3P WZG Q . 2.39 16.34 -12.29
C2P WZG Q . 1.46 16.34 -13.51
S1P WZG Q . 1.39 14.58 -14.04
C1 WZG Q . 0.27 13.74 -12.85
H2A WZG Q . 13.82 13.26 -12.80
H61A WZG Q . 11.97 17.09 -12.23
H62A WZG Q . 10.54 16.79 -11.97
H8A WZG Q . 9.79 13.52 -8.06
H1B WZG Q . 11.72 10.83 -9.63
H2B WZG Q . 13.63 11.87 -8.27
HO2A WZG Q . 13.93 9.82 -8.71
H3B WZG Q . 12.47 12.57 -6.78
H4B WZG Q . 11.31 9.96 -6.21
H51A WZG Q . 9.56 10.85 -5.44
H52A WZG Q . 10.83 11.36 -4.66
H121 WZG Q . 7.41 15.46 -8.35
H122 WZG Q . 6.26 14.38 -8.28
H131 WZG Q . 3.50 16.56 -8.95
H132 WZG Q . 4.00 16.10 -7.52
H133 WZG Q . 3.88 15.04 -8.69
H141 WZG Q . 6.33 15.14 -10.46
H142 WZG Q . 4.97 15.84 -10.84
H143 WZG Q . 6.31 16.69 -10.78
H10 WZG Q . 5.59 17.74 -7.53
HO1 WZG Q . 7.63 17.85 -7.91
HN8 WZG Q . 6.33 18.87 -10.71
H71 WZG Q . 4.91 21.08 -10.67
H72 WZG Q . 5.56 20.45 -11.98
H61 WZG Q . 3.33 20.63 -12.42
H62 WZG Q . 2.93 19.99 -11.03
HN4 WZG Q . 2.08 17.97 -11.11
H32 WZG Q . 3.25 15.99 -12.55
H31 WZG Q . 2.01 15.78 -11.60
H21 WZG Q . 1.81 16.90 -14.22
H22 WZG Q . 0.56 16.65 -13.26
H11 WZG Q . 0.65 12.87 -12.74
H12 WZG Q . 0.44 14.19 -12.02
N NH2 R . -7.25 6.33 -23.10
HN1 NH2 R . -7.24 5.42 -23.57
HN2 NH2 R . -7.33 6.36 -22.09
C ACE S . -1.79 15.04 -13.59
O ACE S . -1.75 15.95 -12.79
CH3 ACE S . -1.13 13.71 -13.40
H1 ACE S . -0.24 13.65 -14.03
H2 ACE S . -1.82 12.91 -13.66
H3 ACE S . -0.83 13.60 -12.35
#